data_3E9F
#
_entry.id   3E9F
#
_cell.length_a   34.621
_cell.length_b   130.335
_cell.length_c   56.214
_cell.angle_alpha   90.000
_cell.angle_beta   90.000
_cell.angle_gamma   90.000
#
_symmetry.space_group_name_H-M   'C 2 2 21'
#
loop_
_entity.id
_entity.type
_entity.pdbx_description
1 polymer 'Chromatin modification-related protein EAF3'
2 non-polymer '2-(N-MORPHOLINO)-ETHANESULFONIC ACID'
3 water water
#
_entity_poly.entity_id   1
_entity_poly.type   'polypeptide(L)'
_entity_poly.pdbx_seq_one_letter_code
;MVDLEQEFALGGRCLAFHGPLMYEAKILKIWDPSSKMYTSIPNDKPGGSSQATKEIKPQKLGEDESIPEEIINGKCFFIH
YQGWKSSWDEWVGYDRIRAYNEENIAMKKRLANLEHHHHHH
;
_entity_poly.pdbx_strand_id   A
#
loop_
_chem_comp.id
_chem_comp.type
_chem_comp.name
_chem_comp.formula
MES non-polymer '2-(N-MORPHOLINO)-ETHANESULFONIC ACID' 'C6 H13 N O4 S'
#
# COMPACT_ATOMS: atom_id res chain seq x y z
N GLU A 7 -3.08 12.38 -1.75
CA GLU A 7 -2.81 11.70 -0.44
C GLU A 7 -2.03 10.38 -0.60
N PHE A 8 -2.33 9.61 -1.65
CA PHE A 8 -1.61 8.37 -1.94
C PHE A 8 -1.05 8.36 -3.35
N ALA A 9 0.24 8.63 -3.47
CA ALA A 9 0.92 8.73 -4.75
C ALA A 9 1.90 7.58 -4.96
N LEU A 10 2.10 7.20 -6.21
CA LEU A 10 3.15 6.25 -6.58
C LEU A 10 4.50 6.74 -6.08
N GLY A 11 5.21 5.88 -5.36
CA GLY A 11 6.48 6.23 -4.76
C GLY A 11 6.38 7.02 -3.45
N GLY A 12 5.16 7.31 -3.01
CA GLY A 12 4.95 8.15 -1.86
C GLY A 12 4.95 7.35 -0.56
N ARG A 13 4.98 8.09 0.53
CA ARG A 13 5.00 7.52 1.86
C ARG A 13 3.55 7.35 2.30
N CYS A 14 3.32 6.39 3.19
CA CYS A 14 2.03 6.15 3.78
C CYS A 14 2.27 5.43 5.10
N LEU A 15 1.18 5.21 5.83
CA LEU A 15 1.20 4.34 6.99
C LEU A 15 0.30 3.16 6.68
N ALA A 16 0.63 2.00 7.20
CA ALA A 16 -0.24 0.84 6.95
C ALA A 16 -0.37 -0.05 8.16
N PHE A 17 -1.58 -0.49 8.44
CA PHE A 17 -1.80 -1.50 9.48
C PHE A 17 -1.26 -2.86 9.05
N HIS A 18 -0.55 -3.51 9.97
CA HIS A 18 -0.15 -4.88 9.82
C HIS A 18 -0.37 -5.50 11.18
N GLY A 19 -1.45 -6.27 11.32
CA GLY A 19 -1.91 -6.62 12.66
C GLY A 19 -2.50 -5.38 13.32
N PRO A 20 -2.41 -5.27 14.66
CA PRO A 20 -3.04 -4.16 15.38
C PRO A 20 -2.29 -2.81 15.25
N LEU A 21 -1.05 -2.82 14.78
CA LEU A 21 -0.23 -1.62 14.73
C LEU A 21 -0.01 -1.06 13.33
N MET A 22 0.41 0.21 13.29
CA MET A 22 0.67 0.92 12.03
C MET A 22 2.17 1.08 11.81
N TYR A 23 2.57 1.03 10.54
CA TYR A 23 3.99 1.05 10.15
C TYR A 23 4.17 1.96 8.97
N GLU A 24 5.29 2.67 8.93
CA GLU A 24 5.60 3.48 7.76
C GLU A 24 5.86 2.57 6.55
N ALA A 25 5.32 2.96 5.40
CA ALA A 25 5.48 2.21 4.17
C ALA A 25 5.64 3.13 2.95
N LYS A 26 6.03 2.56 1.81
CA LYS A 26 6.17 3.28 0.55
C LYS A 26 5.26 2.58 -0.46
N ILE A 27 4.54 3.38 -1.26
CA ILE A 27 3.65 2.84 -2.30
C ILE A 27 4.45 2.54 -3.59
N LEU A 28 4.45 1.28 -3.97
CA LEU A 28 5.22 0.80 -5.12
C LEU A 28 4.34 0.63 -6.36
N LYS A 29 3.07 0.27 -6.15
CA LYS A 29 2.12 0.13 -7.25
C LYS A 29 0.73 0.56 -6.81
N ILE A 30 -0.08 1.01 -7.76
CA ILE A 30 -1.48 1.37 -7.49
C ILE A 30 -2.38 0.64 -8.51
N TRP A 31 -3.30 -0.17 -8.00
CA TRP A 31 -4.24 -0.95 -8.80
C TRP A 31 -5.59 -0.26 -8.96
N ASP A 32 -6.06 -0.25 -10.20
CA ASP A 32 -7.37 0.23 -10.62
C ASP A 32 -8.24 -1.01 -10.85
N PRO A 33 -9.25 -1.25 -10.00
CA PRO A 33 -10.06 -2.48 -10.09
C PRO A 33 -10.96 -2.48 -11.32
N SER A 34 -11.27 -1.31 -11.87
CA SER A 34 -12.16 -1.23 -13.04
C SER A 34 -11.46 -1.68 -14.31
N SER A 35 -10.26 -1.14 -14.52
CA SER A 35 -9.39 -1.53 -15.64
C SER A 35 -8.58 -2.81 -15.41
N LYS A 36 -8.51 -3.28 -14.17
CA LYS A 36 -7.70 -4.45 -13.82
C LYS A 36 -6.26 -4.27 -14.28
N MET A 37 -5.72 -3.09 -14.01
CA MET A 37 -4.33 -2.78 -14.29
C MET A 37 -3.75 -1.96 -13.16
N TYR A 38 -2.45 -2.09 -12.93
CA TYR A 38 -1.76 -1.24 -11.99
C TYR A 38 -0.72 -0.32 -12.65
N THR A 39 -0.39 0.79 -12.00
CA THR A 39 0.80 1.56 -12.35
C THR A 39 1.87 1.22 -11.32
N SER A 40 3.12 1.28 -11.75
CA SER A 40 4.25 0.88 -10.91
C SER A 40 5.36 1.91 -11.00
N ILE A 41 6.08 2.08 -9.88
CA ILE A 41 7.35 2.77 -9.89
C ILE A 41 8.24 2.10 -10.93
N PRO A 42 8.97 2.89 -11.71
CA PRO A 42 9.93 2.38 -12.69
C PRO A 42 11.19 1.85 -11.98
N ASN A 43 12.26 1.57 -12.73
CA ASN A 43 13.53 1.22 -12.09
C ASN A 43 14.75 1.85 -12.76
N LYS A 54 1.63 7.37 -22.12
CA LYS A 54 2.19 8.18 -21.07
C LYS A 54 3.71 7.97 -20.97
N GLU A 55 4.20 7.77 -19.75
CA GLU A 55 5.56 7.30 -19.49
C GLU A 55 5.42 6.17 -18.48
N ILE A 56 4.66 6.42 -17.42
CA ILE A 56 4.20 5.34 -16.54
C ILE A 56 2.81 4.92 -17.02
N LYS A 57 2.73 3.73 -17.62
CA LYS A 57 1.47 3.25 -18.18
C LYS A 57 0.88 2.14 -17.31
N PRO A 58 -0.44 2.07 -17.26
CA PRO A 58 -1.11 0.94 -16.60
C PRO A 58 -0.67 -0.38 -17.22
N GLN A 59 -0.57 -1.42 -16.40
CA GLN A 59 -0.17 -2.75 -16.87
C GLN A 59 -0.94 -3.83 -16.11
N LYS A 60 -1.18 -4.95 -16.79
CA LYS A 60 -1.98 -6.02 -16.20
C LYS A 60 -1.15 -6.69 -15.13
N LEU A 61 -1.81 -7.48 -14.28
CA LEU A 61 -1.11 -8.34 -13.35
C LEU A 61 -0.22 -9.32 -14.12
N GLY A 62 1.01 -9.50 -13.65
CA GLY A 62 1.92 -10.49 -14.19
C GLY A 62 1.27 -11.86 -14.12
N GLU A 63 1.84 -12.79 -14.90
CA GLU A 63 1.34 -14.15 -15.06
C GLU A 63 1.30 -14.91 -13.73
N ASP A 64 2.27 -14.59 -12.87
CA ASP A 64 2.47 -15.25 -11.58
C ASP A 64 2.12 -14.33 -10.41
N GLU A 65 1.53 -13.17 -10.69
CA GLU A 65 1.19 -12.20 -9.64
C GLU A 65 -0.27 -12.37 -9.21
N SER A 66 -0.57 -11.94 -8.00
CA SER A 66 -1.90 -12.14 -7.44
C SER A 66 -2.24 -10.98 -6.52
N ILE A 67 -3.52 -10.55 -6.51
CA ILE A 67 -4.03 -9.64 -5.49
C ILE A 67 -5.12 -10.37 -4.72
N PRO A 68 -5.10 -10.32 -3.38
CA PRO A 68 -6.10 -11.08 -2.62
C PRO A 68 -7.56 -10.75 -2.99
N GLU A 69 -8.36 -11.81 -3.08
CA GLU A 69 -9.77 -11.70 -3.45
C GLU A 69 -10.54 -10.69 -2.62
N GLU A 70 -10.20 -10.63 -1.33
CA GLU A 70 -10.78 -9.70 -0.36
C GLU A 70 -10.75 -8.26 -0.81
N ILE A 71 -9.70 -7.88 -1.56
CA ILE A 71 -9.47 -6.46 -1.91
C ILE A 71 -9.42 -6.12 -3.42
N ILE A 72 -9.33 -7.16 -4.28
CA ILE A 72 -9.11 -6.95 -5.72
C ILE A 72 -10.17 -6.08 -6.41
N ASN A 73 -11.38 -6.04 -5.86
CA ASN A 73 -12.44 -5.23 -6.46
C ASN A 73 -12.48 -3.79 -6.00
N GLY A 74 -11.49 -3.39 -5.20
CA GLY A 74 -11.37 -2.00 -4.79
C GLY A 74 -10.00 -1.48 -5.19
N LYS A 75 -9.75 -0.21 -4.92
CA LYS A 75 -8.42 0.38 -5.17
C LYS A 75 -7.42 -0.27 -4.22
N CYS A 76 -6.30 -0.74 -4.76
CA CYS A 76 -5.29 -1.41 -3.94
C CYS A 76 -3.92 -0.79 -4.15
N PHE A 77 -3.06 -0.95 -3.15
CA PHE A 77 -1.72 -0.39 -3.14
C PHE A 77 -0.74 -1.49 -2.76
N PHE A 78 0.31 -1.66 -3.57
CA PHE A 78 1.32 -2.64 -3.28
C PHE A 78 2.41 -1.84 -2.54
N ILE A 79 2.65 -2.19 -1.28
CA ILE A 79 3.51 -1.38 -0.41
C ILE A 79 4.72 -2.16 0.07
N HIS A 80 5.75 -1.40 0.40
CA HIS A 80 6.95 -1.92 1.05
C HIS A 80 7.03 -1.28 2.42
N TYR A 81 7.14 -2.09 3.47
CA TYR A 81 7.26 -1.54 4.83
C TYR A 81 8.69 -1.07 5.11
N GLN A 82 8.84 0.15 5.61
CA GLN A 82 10.18 0.72 5.79
C GLN A 82 11.00 -0.12 6.77
N GLY A 83 12.17 -0.57 6.30
CA GLY A 83 13.07 -1.37 7.13
C GLY A 83 12.85 -2.87 7.10
N TRP A 84 11.72 -3.32 6.56
CA TRP A 84 11.42 -4.76 6.50
C TRP A 84 11.98 -5.36 5.22
N LYS A 85 12.13 -6.68 5.20
CA LYS A 85 12.51 -7.38 3.99
C LYS A 85 11.41 -7.20 2.95
N SER A 86 11.82 -7.16 1.68
CA SER A 86 10.89 -7.01 0.56
C SER A 86 9.93 -8.20 0.40
N SER A 87 10.23 -9.30 1.10
CA SER A 87 9.35 -10.45 1.14
C SER A 87 8.02 -10.18 1.85
N TRP A 88 7.98 -9.11 2.65
CA TRP A 88 6.75 -8.69 3.31
C TRP A 88 5.91 -7.71 2.45
N ASP A 89 6.43 -7.28 1.29
CA ASP A 89 5.70 -6.35 0.41
C ASP A 89 4.39 -7.04 0.06
N GLU A 90 3.31 -6.27 0.06
CA GLU A 90 1.97 -6.82 -0.16
C GLU A 90 0.99 -5.77 -0.65
N TRP A 91 -0.11 -6.26 -1.20
CA TRP A 91 -1.26 -5.44 -1.52
C TRP A 91 -2.16 -5.16 -0.32
N VAL A 92 -2.53 -3.89 -0.15
CA VAL A 92 -3.51 -3.48 0.86
C VAL A 92 -4.59 -2.58 0.24
N GLY A 93 -5.75 -2.55 0.88
CA GLY A 93 -6.80 -1.61 0.46
C GLY A 93 -6.93 -0.46 1.46
N TYR A 94 -7.98 0.34 1.29
CA TYR A 94 -8.22 1.48 2.18
C TYR A 94 -8.51 1.07 3.62
N ASP A 95 -8.93 -0.18 3.86
CA ASP A 95 -9.08 -0.64 5.24
C ASP A 95 -7.76 -0.55 6.06
N ARG A 96 -6.64 -0.75 5.39
CA ARG A 96 -5.37 -0.85 6.11
C ARG A 96 -4.47 0.33 5.87
N ILE A 97 -4.61 1.01 4.74
CA ILE A 97 -3.66 2.12 4.40
C ILE A 97 -4.15 3.43 5.00
N ARG A 98 -3.19 4.28 5.40
CA ARG A 98 -3.51 5.58 6.01
C ARG A 98 -2.57 6.64 5.50
N ALA A 99 -3.07 7.87 5.37
CA ALA A 99 -2.25 8.98 4.92
C ALA A 99 -1.15 9.27 5.95
N TYR A 100 0.01 9.67 5.46
CA TYR A 100 1.12 10.05 6.32
C TYR A 100 0.93 11.50 6.75
N ASN A 101 0.22 11.68 7.85
CA ASN A 101 -0.09 13.02 8.33
C ASN A 101 -0.03 13.09 9.85
N GLU A 102 -0.24 14.28 10.41
CA GLU A 102 -0.05 14.45 11.86
C GLU A 102 -1.00 13.60 12.70
N GLU A 103 -2.29 13.54 12.32
CA GLU A 103 -3.30 12.77 13.05
C GLU A 103 -2.96 11.27 13.04
N ASN A 104 -2.59 10.76 11.86
CA ASN A 104 -2.34 9.30 11.76
C ASN A 104 -1.02 8.87 12.40
N ILE A 105 -0.01 9.74 12.36
CA ILE A 105 1.24 9.49 13.09
C ILE A 105 1.00 9.40 14.61
N ALA A 106 0.21 10.33 15.13
CA ALA A 106 -0.13 10.38 16.54
C ALA A 106 -0.91 9.12 16.89
N MET A 107 -1.80 8.68 16.00
CA MET A 107 -2.55 7.45 16.25
C MET A 107 -1.63 6.22 16.24
N LYS A 108 -0.73 6.16 15.26
CA LYS A 108 0.28 5.11 15.20
C LYS A 108 1.04 5.03 16.54
N LYS A 109 1.49 6.18 17.03
CA LYS A 109 2.26 6.18 18.27
C LYS A 109 1.39 5.70 19.45
N ARG A 110 0.14 6.16 19.52
CA ARG A 110 -0.79 5.77 20.58
C ARG A 110 -1.09 4.27 20.61
N LEU A 111 -1.32 3.69 19.43
CA LEU A 111 -1.57 2.26 19.33
C LEU A 111 -0.42 1.45 19.90
N ALA A 112 0.80 1.84 19.59
CA ALA A 112 1.98 1.11 20.05
C ALA A 112 2.33 1.42 21.51
N ASN A 113 2.24 2.70 21.88
CA ASN A 113 2.62 3.15 23.21
C ASN A 113 1.62 2.79 24.30
N LEU A 114 0.33 2.99 24.00
CA LEU A 114 -0.73 3.09 25.02
C LEU A 114 -1.78 2.00 24.90
N GLU A 115 -2.02 1.56 23.65
CA GLU A 115 -2.92 0.46 23.27
C GLU A 115 -4.34 0.87 22.95
O1 MES B . 5.84 -7.92 12.47
C2 MES B . 6.25 -8.82 11.42
C3 MES B . 7.59 -8.60 10.72
N4 MES B . 8.37 -7.47 11.21
C5 MES B . 7.99 -6.54 12.26
C6 MES B . 6.63 -6.82 12.92
C7 MES B . 9.68 -7.15 10.60
C8 MES B . 10.14 -8.26 9.68
S MES B . 11.65 -7.97 9.02
O1S MES B . 12.35 -6.71 9.40
O2S MES B . 11.49 -7.96 7.56
O3S MES B . 12.47 -9.12 9.45
#